data_9OL9
#
_entry.id   9OL9
#
loop_
_entity.id
_entity.type
_entity.pdbx_description
1 polymer '(ACE)SKT(A1CCR)IQV(DPR)(4G6) peptide'
2 polymer '(ACE)KNVLYRR peptide'
#
loop_
_entity_poly.entity_id
_entity_poly.type
_entity_poly.pdbx_seq_one_letter_code
_entity_poly.pdbx_strand_id
1 'polypeptide(L)' (ACE)SKT(A1CCR)IQV(DPR)(4G6) A
2 'polypeptide(L)' (ACE)KNVLYRR B
#
# COMPACT_ATOMS: atom_id res chain seq x y z
N SER A 2 -10.51 -3.08 -3.93
CA SER A 2 -9.60 -2.18 -4.62
C SER A 2 -8.50 -1.71 -3.66
N LYS A 3 -7.36 -2.39 -3.69
CA LYS A 3 -6.25 -2.08 -2.80
C LYS A 3 -4.95 -1.95 -3.59
N THR A 4 -4.09 -1.05 -3.16
CA THR A 4 -2.79 -0.87 -3.77
C THR A 4 -1.69 -1.04 -2.73
N ILE A 6 2.26 -0.63 -1.97
CA ILE A 6 3.54 -0.05 -2.39
C ILE A 6 4.65 -0.51 -1.45
N GLN A 7 5.64 -1.17 -2.02
CA GLN A 7 6.76 -1.69 -1.24
C GLN A 7 7.78 -0.58 -0.99
N VAL A 8 8.02 -0.28 0.28
CA VAL A 8 8.98 0.74 0.66
C VAL A 8 10.16 0.10 1.40
N LYS B 2 -7.87 3.43 4.16
CA LYS B 2 -6.60 3.48 3.45
C LYS B 2 -6.54 2.38 2.40
N ASN B 3 -6.83 2.75 1.16
CA ASN B 3 -6.79 1.81 0.05
C ASN B 3 -5.36 1.59 -0.42
N VAL B 4 -4.48 2.53 -0.09
CA VAL B 4 -3.07 2.39 -0.40
C VAL B 4 -2.32 1.96 0.85
N LEU B 5 -1.77 0.76 0.81
CA LEU B 5 -1.01 0.25 1.93
C LEU B 5 0.46 0.21 1.57
N TYR B 6 1.29 0.66 2.50
CA TYR B 6 2.73 0.69 2.28
C TYR B 6 3.38 -0.48 2.99
N ARG B 7 4.21 -1.21 2.27
CA ARG B 7 4.88 -2.36 2.84
C ARG B 7 6.33 -2.06 3.15
N ARG B 8 6.64 -2.03 4.43
CA ARG B 8 8.01 -1.82 4.89
C ARG B 8 8.83 -3.08 4.66
N SER A 2 -10.48 -2.86 -2.84
CA SER A 2 -9.25 -2.78 -3.61
C SER A 2 -8.15 -2.12 -2.77
N LYS A 3 -7.01 -2.77 -2.71
CA LYS A 3 -5.89 -2.27 -1.93
C LYS A 3 -4.61 -2.27 -2.75
N THR A 4 -4.04 -1.10 -2.95
CA THR A 4 -2.77 -0.97 -3.65
C THR A 4 -1.62 -1.11 -2.66
N ILE A 6 2.18 -0.69 -2.01
CA ILE A 6 3.44 -0.09 -2.44
C ILE A 6 4.54 -0.49 -1.48
N GLN A 7 5.63 -1.03 -2.01
CA GLN A 7 6.71 -1.50 -1.18
C GLN A 7 7.70 -0.37 -0.90
N VAL A 8 7.98 -0.16 0.38
CA VAL A 8 8.97 0.81 0.80
C VAL A 8 10.21 0.09 1.32
N LYS B 2 -8.31 5.28 2.20
CA LYS B 2 -6.99 5.28 1.58
C LYS B 2 -6.71 3.91 0.97
N ASN B 3 -6.78 3.83 -0.34
CA ASN B 3 -6.57 2.57 -1.05
C ASN B 3 -5.09 2.28 -1.26
N VAL B 4 -4.24 2.93 -0.47
CA VAL B 4 -2.81 2.76 -0.59
C VAL B 4 -2.22 2.26 0.72
N LEU B 5 -1.63 1.08 0.68
CA LEU B 5 -0.97 0.51 1.84
C LEU B 5 0.51 0.30 1.53
N TYR B 6 1.37 0.68 2.47
CA TYR B 6 2.80 0.59 2.25
C TYR B 6 3.37 -0.64 2.96
N ARG B 7 4.21 -1.38 2.26
CA ARG B 7 4.85 -2.55 2.83
C ARG B 7 6.34 -2.27 3.02
N ARG B 8 6.80 -2.35 4.26
CA ARG B 8 8.19 -2.07 4.58
C ARG B 8 9.05 -3.30 4.29
N SER A 2 -8.34 -1.25 -5.68
CA SER A 2 -9.04 -1.12 -4.40
C SER A 2 -8.08 -1.26 -3.23
N LYS A 3 -7.00 -2.01 -3.44
CA LYS A 3 -5.96 -2.15 -2.45
C LYS A 3 -4.61 -2.04 -3.13
N THR A 4 -4.09 -0.82 -3.20
CA THR A 4 -2.82 -0.57 -3.84
C THR A 4 -1.67 -0.83 -2.87
N ILE A 6 2.26 -0.71 -1.94
CA ILE A 6 3.54 -0.10 -2.26
C ILE A 6 4.61 -0.58 -1.30
N GLN A 7 5.65 -1.19 -1.83
CA GLN A 7 6.73 -1.70 -1.02
C GLN A 7 7.90 -0.73 -1.01
N VAL A 8 8.19 -0.20 0.15
CA VAL A 8 9.28 0.75 0.32
C VAL A 8 10.46 0.06 0.99
N LYS B 2 -8.29 5.23 2.42
CA LYS B 2 -6.98 4.67 2.70
C LYS B 2 -6.78 3.35 1.96
N ASN B 3 -6.90 3.40 0.65
CA ASN B 3 -6.81 2.21 -0.20
C ASN B 3 -5.36 1.95 -0.60
N VAL B 4 -4.43 2.62 0.05
CA VAL B 4 -3.03 2.44 -0.21
C VAL B 4 -2.35 1.80 0.99
N LEU B 5 -1.74 0.65 0.78
CA LEU B 5 -1.06 -0.07 1.84
C LEU B 5 0.45 0.00 1.62
N TYR B 6 1.14 0.63 2.55
CA TYR B 6 2.59 0.74 2.48
C TYR B 6 3.25 -0.40 3.24
N ARG B 7 4.07 -1.16 2.53
CA ARG B 7 4.83 -2.23 3.15
C ARG B 7 6.31 -1.90 3.10
N ARG B 8 7.01 -2.16 4.18
CA ARG B 8 8.42 -1.84 4.27
C ARG B 8 9.26 -3.10 4.13
N SER A 2 -8.80 -1.22 -4.17
CA SER A 2 -8.62 -2.66 -3.98
C SER A 2 -7.33 -2.91 -3.19
N LYS A 3 -6.98 -1.93 -2.36
CA LYS A 3 -5.77 -1.99 -1.53
C LYS A 3 -4.52 -2.09 -2.40
N THR A 4 -4.05 -0.95 -2.85
CA THR A 4 -2.83 -0.88 -3.64
C THR A 4 -1.62 -0.96 -2.72
N ILE A 6 2.28 -0.68 -1.90
CA ILE A 6 3.53 -0.06 -2.30
C ILE A 6 4.63 -0.45 -1.33
N GLN A 7 5.61 -1.19 -1.83
CA GLN A 7 6.72 -1.63 -1.01
C GLN A 7 7.79 -0.55 -0.93
N VAL A 8 8.17 -0.21 0.29
CA VAL A 8 9.20 0.78 0.52
C VAL A 8 10.43 0.10 1.09
N LYS B 2 -8.39 4.78 3.30
CA LYS B 2 -7.06 4.21 3.11
C LYS B 2 -7.12 2.96 2.24
N ASN B 3 -7.01 3.17 0.94
CA ASN B 3 -6.94 2.05 0.01
C ASN B 3 -5.52 1.89 -0.52
N VAL B 4 -4.61 2.69 0.02
CA VAL B 4 -3.20 2.60 -0.32
C VAL B 4 -2.43 2.08 0.89
N LEU B 5 -1.85 0.90 0.76
CA LEU B 5 -1.12 0.29 1.86
C LEU B 5 0.35 0.15 1.50
N TYR B 6 1.20 0.60 2.40
CA TYR B 6 2.63 0.55 2.19
C TYR B 6 3.23 -0.63 2.94
N ARG B 7 4.22 -1.26 2.33
CA ARG B 7 4.90 -2.37 2.94
C ARG B 7 6.39 -2.07 3.08
N ARG B 8 6.85 -1.99 4.31
CA ARG B 8 8.27 -1.77 4.57
C ARG B 8 9.05 -3.05 4.31
N SER A 2 -10.14 -3.23 -3.62
CA SER A 2 -9.13 -2.53 -4.39
C SER A 2 -8.02 -2.01 -3.47
N LYS A 3 -7.04 -2.86 -3.20
CA LYS A 3 -5.95 -2.50 -2.31
C LYS A 3 -4.67 -2.32 -3.10
N THR A 4 -4.11 -1.13 -3.03
CA THR A 4 -2.86 -0.84 -3.71
C THR A 4 -1.69 -1.04 -2.75
N ILE A 6 2.24 -0.72 -1.97
CA ILE A 6 3.49 -0.08 -2.32
C ILE A 6 4.56 -0.47 -1.32
N GLN A 7 5.58 -1.16 -1.79
CA GLN A 7 6.64 -1.61 -0.91
C GLN A 7 7.77 -0.59 -0.87
N VAL A 8 8.10 -0.17 0.33
CA VAL A 8 9.17 0.79 0.56
C VAL A 8 10.43 0.07 1.01
N LYS B 2 -8.15 5.81 0.92
CA LYS B 2 -6.99 5.39 1.70
C LYS B 2 -6.68 3.91 1.47
N ASN B 3 -6.77 3.51 0.21
CA ASN B 3 -6.56 2.11 -0.14
C ASN B 3 -5.11 1.86 -0.53
N VAL B 4 -4.25 2.80 -0.19
CA VAL B 4 -2.83 2.67 -0.45
C VAL B 4 -2.12 2.14 0.79
N LEU B 5 -1.70 0.89 0.71
CA LEU B 5 -1.03 0.23 1.82
C LEU B 5 0.47 0.17 1.57
N TYR B 6 1.24 0.65 2.52
CA TYR B 6 2.68 0.66 2.39
C TYR B 6 3.29 -0.56 3.07
N ARG B 7 4.20 -1.20 2.36
CA ARG B 7 4.89 -2.38 2.87
C ARG B 7 6.38 -2.09 2.97
N ARG B 8 7.12 -2.97 3.61
CA ARG B 8 8.56 -2.77 3.75
C ARG B 8 9.32 -3.89 3.07
N SER A 2 -8.85 -2.97 -5.32
CA SER A 2 -9.42 -2.01 -4.40
C SER A 2 -8.37 -1.51 -3.42
N LYS A 3 -7.26 -2.22 -3.34
CA LYS A 3 -6.17 -1.84 -2.45
C LYS A 3 -4.87 -1.71 -3.24
N THR A 4 -4.13 -0.65 -2.99
CA THR A 4 -2.85 -0.44 -3.64
C THR A 4 -1.73 -0.91 -2.73
N ILE A 6 2.22 -0.79 -2.06
CA ILE A 6 3.49 -0.14 -2.35
C ILE A 6 4.53 -0.55 -1.31
N GLN A 7 5.56 -1.24 -1.75
CA GLN A 7 6.60 -1.71 -0.84
C GLN A 7 7.76 -0.72 -0.82
N VAL A 8 7.99 -0.14 0.35
CA VAL A 8 9.04 0.83 0.53
C VAL A 8 10.31 0.16 1.05
N LYS B 2 -7.21 4.44 4.23
CA LYS B 2 -5.94 3.90 3.77
C LYS B 2 -6.16 2.68 2.90
N ASN B 3 -6.61 2.91 1.68
CA ASN B 3 -6.70 1.86 0.69
C ASN B 3 -5.35 1.69 -0.01
N VAL B 4 -4.42 2.57 0.34
CA VAL B 4 -3.06 2.49 -0.15
C VAL B 4 -2.17 1.99 0.97
N LEU B 5 -1.72 0.75 0.85
CA LEU B 5 -0.94 0.11 1.90
C LEU B 5 0.55 0.16 1.57
N TYR B 6 1.34 0.62 2.52
CA TYR B 6 2.78 0.71 2.36
C TYR B 6 3.47 -0.42 3.12
N ARG B 7 4.22 -1.22 2.38
CA ARG B 7 4.96 -2.34 2.96
C ARG B 7 6.42 -1.98 3.13
N ARG B 8 7.15 -2.81 3.83
CA ARG B 8 8.57 -2.55 4.09
C ARG B 8 9.42 -3.69 3.54
N SER A 2 -8.68 -1.11 -4.71
CA SER A 2 -9.08 -0.63 -3.40
C SER A 2 -7.95 -0.81 -2.39
N LYS A 3 -7.10 -1.80 -2.63
CA LYS A 3 -5.93 -2.02 -1.81
C LYS A 3 -4.68 -2.04 -2.67
N THR A 4 -4.16 -0.86 -2.96
CA THR A 4 -2.94 -0.74 -3.72
C THR A 4 -1.72 -0.87 -2.80
N ILE A 6 2.23 -0.83 -1.95
CA ILE A 6 3.48 -0.25 -2.38
C ILE A 6 4.60 -0.61 -1.40
N GLN A 7 5.68 -1.17 -1.93
CA GLN A 7 6.80 -1.59 -1.10
C GLN A 7 7.78 -0.44 -0.89
N VAL A 8 8.11 -0.17 0.35
CA VAL A 8 9.10 0.85 0.68
C VAL A 8 10.36 0.18 1.23
N LYS B 2 -8.07 5.45 2.75
CA LYS B 2 -6.86 5.29 1.97
C LYS B 2 -6.92 4.00 1.17
N ASN B 3 -6.57 4.07 -0.09
CA ASN B 3 -6.56 2.89 -0.95
C ASN B 3 -5.13 2.48 -1.25
N VAL B 4 -4.21 2.99 -0.45
CA VAL B 4 -2.79 2.69 -0.60
C VAL B 4 -2.24 2.14 0.71
N LEU B 5 -1.63 0.97 0.64
CA LEU B 5 -1.03 0.36 1.81
C LEU B 5 0.46 0.12 1.57
N TYR B 6 1.28 0.60 2.49
CA TYR B 6 2.72 0.55 2.32
C TYR B 6 3.34 -0.65 3.03
N ARG B 7 4.23 -1.32 2.32
CA ARG B 7 4.99 -2.43 2.88
C ARG B 7 6.42 -1.97 3.18
N ARG B 8 7.07 -2.67 4.08
CA ARG B 8 8.45 -2.34 4.44
C ARG B 8 9.37 -3.49 4.06
N SER A 2 -10.22 0.16 -3.93
CA SER A 2 -9.07 -0.62 -4.33
C SER A 2 -8.11 -0.78 -3.16
N LYS A 3 -7.13 -1.67 -3.31
CA LYS A 3 -6.07 -1.82 -2.32
C LYS A 3 -4.73 -1.83 -3.02
N THR A 4 -4.05 -0.69 -2.98
CA THR A 4 -2.77 -0.55 -3.65
C THR A 4 -1.64 -0.90 -2.68
N ILE A 6 2.25 -0.74 -2.00
CA ILE A 6 3.52 -0.15 -2.36
C ILE A 6 4.56 -0.49 -1.31
N GLN A 7 5.57 -1.26 -1.70
CA GLN A 7 6.60 -1.65 -0.76
C GLN A 7 7.76 -0.67 -0.79
N VAL A 8 8.06 -0.11 0.37
CA VAL A 8 9.11 0.89 0.50
C VAL A 8 10.39 0.22 1.00
N LYS B 2 -5.98 6.32 1.74
CA LYS B 2 -5.79 5.35 2.81
C LYS B 2 -5.87 3.92 2.31
N ASN B 3 -6.22 3.77 1.04
CA ASN B 3 -6.25 2.46 0.40
C ASN B 3 -4.88 2.13 -0.20
N VAL B 4 -3.92 3.01 0.06
CA VAL B 4 -2.54 2.78 -0.34
C VAL B 4 -1.78 2.19 0.83
N LEU B 5 -1.63 0.88 0.81
CA LEU B 5 -0.97 0.16 1.87
C LEU B 5 0.53 0.09 1.60
N TYR B 6 1.31 0.69 2.49
CA TYR B 6 2.75 0.71 2.34
C TYR B 6 3.38 -0.50 3.00
N ARG B 7 4.09 -1.28 2.22
CA ARG B 7 4.79 -2.45 2.71
C ARG B 7 6.23 -2.06 2.99
N ARG B 8 6.92 -2.87 3.77
CA ARG B 8 8.29 -2.58 4.13
C ARG B 8 9.23 -3.63 3.55
N SER A 2 -9.44 -4.40 -4.05
CA SER A 2 -8.62 -3.55 -4.90
C SER A 2 -7.74 -2.65 -4.04
N LYS A 3 -6.74 -3.24 -3.41
CA LYS A 3 -5.82 -2.50 -2.58
C LYS A 3 -4.48 -2.32 -3.28
N THR A 4 -4.01 -1.10 -3.34
CA THR A 4 -2.73 -0.80 -3.94
C THR A 4 -1.62 -0.98 -2.91
N ILE A 6 2.27 -0.63 -1.93
CA ILE A 6 3.53 0.00 -2.26
C ILE A 6 4.61 -0.45 -1.29
N GLN A 7 5.57 -1.22 -1.81
CA GLN A 7 6.64 -1.75 -0.99
C GLN A 7 7.78 -0.75 -0.89
N VAL A 8 8.00 -0.23 0.30
CA VAL A 8 9.06 0.72 0.55
C VAL A 8 10.36 0.00 0.86
N LYS B 2 -8.70 5.12 1.40
CA LYS B 2 -7.54 4.51 2.02
C LYS B 2 -7.37 3.08 1.56
N ASN B 3 -7.20 2.91 0.25
CA ASN B 3 -6.98 1.59 -0.33
C ASN B 3 -5.52 1.39 -0.69
N VAL B 4 -4.67 2.30 -0.24
CA VAL B 4 -3.23 2.18 -0.46
C VAL B 4 -2.56 1.73 0.83
N LEU B 5 -1.77 0.67 0.73
CA LEU B 5 -1.07 0.13 1.87
C LEU B 5 0.43 0.12 1.62
N TYR B 6 1.19 0.63 2.57
CA TYR B 6 2.64 0.70 2.43
C TYR B 6 3.31 -0.47 3.14
N ARG B 7 4.22 -1.11 2.42
CA ARG B 7 4.95 -2.25 2.94
C ARG B 7 6.44 -1.94 3.00
N ARG B 8 7.23 -2.89 3.44
CA ARG B 8 8.67 -2.67 3.59
C ARG B 8 9.45 -3.85 3.04
N SER A 2 -9.28 -1.39 -5.50
CA SER A 2 -8.24 -0.50 -6.00
C SER A 2 -7.18 -0.28 -4.91
N LYS A 3 -6.86 -1.33 -4.18
CA LYS A 3 -5.89 -1.24 -3.11
C LYS A 3 -4.47 -1.39 -3.65
N THR A 4 -3.72 -0.32 -3.57
CA THR A 4 -2.36 -0.30 -4.06
C THR A 4 -1.38 -0.67 -2.95
N ILE A 6 2.21 -0.71 -1.94
CA ILE A 6 3.51 -0.13 -2.28
C ILE A 6 4.56 -0.57 -1.28
N GLN A 7 5.60 -1.24 -1.75
CA GLN A 7 6.65 -1.72 -0.89
C GLN A 7 7.82 -0.73 -0.87
N VAL A 8 8.05 -0.11 0.26
CA VAL A 8 9.11 0.87 0.40
C VAL A 8 10.41 0.19 0.83
N LYS B 2 -6.55 4.79 2.81
CA LYS B 2 -7.76 3.99 2.71
C LYS B 2 -7.58 2.85 1.71
N ASN B 3 -7.10 3.17 0.53
CA ASN B 3 -6.89 2.16 -0.51
C ASN B 3 -5.40 2.05 -0.86
N VAL B 4 -4.56 2.67 -0.06
CA VAL B 4 -3.13 2.63 -0.27
C VAL B 4 -2.46 2.01 0.94
N LEU B 5 -1.77 0.90 0.73
CA LEU B 5 -1.10 0.19 1.81
C LEU B 5 0.39 0.15 1.57
N TYR B 6 1.16 0.53 2.58
CA TYR B 6 2.60 0.59 2.44
C TYR B 6 3.27 -0.60 3.13
N ARG B 7 4.13 -1.28 2.39
CA ARG B 7 4.94 -2.36 2.92
C ARG B 7 6.39 -1.91 2.90
N ARG B 8 7.30 -2.75 3.36
CA ARG B 8 8.71 -2.43 3.32
C ARG B 8 9.51 -3.63 2.82
#